data_3KPY
#
_entry.id   3KPY
#
_cell.length_a   93.908
_cell.length_b   93.908
_cell.length_c   188.615
_cell.angle_alpha   90.000
_cell.angle_beta   90.000
_cell.angle_gamma   90.000
#
_symmetry.space_group_name_H-M   'P 43 21 2'
#
loop_
_entity.id
_entity.type
_entity.pdbx_description
1 polymer 'Phenylethanolamine N-methyltransferase'
2 non-polymer S-ADENOSYL-L-HOMOCYSTEINE
3 non-polymer 6-chloro-1,3-dihydro-2H-indol-2-one
4 water water
#
_entity_poly.entity_id   1
_entity_poly.type   'polypeptide(L)'
_entity_poly.pdbx_seq_one_letter_code
;MSGADRSPNAGAAPDSAPGQAAVASAYQRFEPRAYLRNNYAPPRGDLCNPNGVGPWKLRCLAQTFATGEVSGRTLIDIGS
GPTVYQLLSACSHFEDITMTDFLEVNRQELGRWLQEEPGAFNWSMYSQHACLIEGKGECWQDKERQLRARVKRVLPIDVH
QPQPLGAGSPAPLPADALVSAFCLEAVSPDLASFQRALDHITTLLRPGGHLLLIGALEESWYLAGEARLTVVPVSEEEVR
EALVRSGYKVRDLRTYIMPAHLQTGVDDVKGVFFAWAQKVGLEHHHHHH
;
_entity_poly.pdbx_strand_id   A,B
#
# COMPACT_ATOMS: atom_id res chain seq x y z
N ALA A 24 21.56 13.00 -30.89
CA ALA A 24 22.27 12.18 -29.93
C ALA A 24 23.17 13.03 -29.03
N SER A 25 23.53 14.22 -29.51
CA SER A 25 24.28 15.17 -28.70
C SER A 25 23.28 15.89 -27.82
N ALA A 26 22.03 15.94 -28.27
CA ALA A 26 20.95 16.53 -27.49
C ALA A 26 20.84 15.81 -26.15
N TYR A 27 21.06 14.50 -26.16
CA TYR A 27 20.98 13.70 -24.94
C TYR A 27 22.07 14.01 -23.93
N GLN A 28 23.03 14.85 -24.32
CA GLN A 28 24.11 15.24 -23.42
C GLN A 28 23.68 16.34 -22.43
N ARG A 29 22.55 16.97 -22.70
CA ARG A 29 22.00 17.98 -21.79
C ARG A 29 20.81 17.44 -20.99
N PHE A 30 20.47 16.18 -21.25
CA PHE A 30 19.35 15.48 -20.60
C PHE A 30 19.52 15.46 -19.08
N GLU A 31 18.60 16.09 -18.36
CA GLU A 31 18.63 16.10 -16.89
C GLU A 31 17.67 15.06 -16.31
N PRO A 32 18.21 14.01 -15.68
CA PRO A 32 17.40 12.95 -15.08
C PRO A 32 16.29 13.47 -14.14
N ARG A 33 16.65 14.34 -13.20
CA ARG A 33 15.67 14.83 -12.24
C ARG A 33 14.52 15.56 -12.93
N ALA A 34 14.86 16.40 -13.92
CA ALA A 34 13.85 17.12 -14.67
C ALA A 34 12.93 16.15 -15.40
N TYR A 35 13.49 15.05 -15.90
CA TYR A 35 12.69 14.03 -16.57
C TYR A 35 11.75 13.29 -15.63
N LEU A 36 12.28 12.88 -14.47
CA LEU A 36 11.49 12.24 -13.43
C LEU A 36 10.40 13.18 -12.95
N ARG A 37 10.76 14.45 -12.81
CA ARG A 37 9.79 15.49 -12.48
C ARG A 37 8.65 15.58 -13.52
N ASN A 38 9.01 15.68 -14.80
CA ASN A 38 8.02 15.89 -15.86
C ASN A 38 7.08 14.72 -16.07
N ASN A 39 7.55 13.52 -15.77
CA ASN A 39 6.80 12.32 -16.14
C ASN A 39 6.36 11.44 -14.98
N TYR A 40 7.02 11.57 -13.84
CA TYR A 40 6.76 10.64 -12.75
C TYR A 40 6.40 11.32 -11.43
N ALA A 41 6.18 12.63 -11.49
CA ALA A 41 5.57 13.38 -10.40
C ALA A 41 4.23 13.92 -10.91
N PRO A 42 3.32 14.29 -9.99
CA PRO A 42 2.00 14.80 -10.38
C PRO A 42 2.09 15.83 -11.53
N PRO A 43 1.10 15.84 -12.43
CA PRO A 43 -0.08 14.97 -12.41
C PRO A 43 0.15 13.59 -13.03
N ARG A 44 1.09 13.47 -13.96
CA ARG A 44 1.33 12.19 -14.62
C ARG A 44 1.80 11.11 -13.66
N GLY A 45 2.35 11.54 -12.52
CA GLY A 45 2.81 10.60 -11.51
C GLY A 45 1.77 10.26 -10.46
N ASP A 46 0.59 10.87 -10.52
CA ASP A 46 -0.48 10.53 -9.57
C ASP A 46 -1.04 9.17 -9.92
N LEU A 47 -0.94 8.25 -8.96
CA LEU A 47 -1.39 6.90 -9.22
C LEU A 47 -2.78 6.64 -8.66
N CYS A 48 -3.29 7.59 -7.87
CA CYS A 48 -4.62 7.44 -7.25
C CYS A 48 -5.75 7.24 -8.26
N ASN A 49 -5.77 8.08 -9.30
CA ASN A 49 -6.77 7.96 -10.36
C ASN A 49 -6.45 6.80 -11.31
N PRO A 50 -7.35 5.81 -11.40
CA PRO A 50 -7.14 4.61 -12.22
C PRO A 50 -7.12 4.93 -13.72
N ASN A 51 -7.57 6.12 -14.10
CA ASN A 51 -7.60 6.49 -15.51
C ASN A 51 -6.35 7.21 -16.01
N GLY A 52 -5.38 7.41 -15.12
CA GLY A 52 -4.14 8.06 -15.51
C GLY A 52 -3.18 7.13 -16.25
N VAL A 53 -2.11 7.71 -16.80
CA VAL A 53 -1.15 6.94 -17.59
C VAL A 53 -0.30 5.99 -16.74
N GLY A 54 0.06 6.41 -15.55
CA GLY A 54 0.85 5.58 -14.66
C GLY A 54 0.19 4.24 -14.35
N PRO A 55 -1.04 4.28 -13.83
CA PRO A 55 -1.77 3.04 -13.55
C PRO A 55 -1.98 2.17 -14.80
N TRP A 56 -2.31 2.80 -15.93
CA TRP A 56 -2.48 2.05 -17.17
C TRP A 56 -1.22 1.26 -17.52
N LYS A 57 -0.06 1.93 -17.45
CA LYS A 57 1.21 1.27 -17.74
C LYS A 57 1.49 0.09 -16.81
N LEU A 58 1.34 0.31 -15.51
CA LEU A 58 1.58 -0.76 -14.55
C LEU A 58 0.65 -1.94 -14.80
N ARG A 59 -0.59 -1.66 -15.18
CA ARG A 59 -1.57 -2.69 -15.48
C ARG A 59 -1.15 -3.57 -16.64
N CYS A 60 -0.71 -2.96 -17.73
CA CYS A 60 -0.26 -3.71 -18.90
C CYS A 60 0.85 -4.66 -18.49
N LEU A 61 1.80 -4.14 -17.74
CA LEU A 61 2.93 -4.95 -17.30
C LEU A 61 2.46 -6.09 -16.39
N ALA A 62 1.65 -5.76 -15.39
CA ALA A 62 1.18 -6.75 -14.41
C ALA A 62 0.36 -7.85 -15.07
N GLN A 63 -0.62 -7.46 -15.85
CA GLN A 63 -1.49 -8.41 -16.52
C GLN A 63 -0.70 -9.36 -17.40
N THR A 64 0.26 -8.82 -18.15
CA THR A 64 1.07 -9.64 -19.05
C THR A 64 1.83 -10.72 -18.30
N PHE A 65 2.50 -10.34 -17.22
CA PHE A 65 3.28 -11.30 -16.44
C PHE A 65 2.37 -12.27 -15.68
N ALA A 66 1.15 -11.84 -15.38
CA ALA A 66 0.23 -12.66 -14.61
C ALA A 66 -0.23 -13.85 -15.45
N THR A 67 -0.08 -13.72 -16.76
CA THR A 67 -0.45 -14.80 -17.67
C THR A 67 0.41 -16.04 -17.44
N GLY A 68 1.61 -15.84 -16.91
CA GLY A 68 2.57 -16.92 -16.72
C GLY A 68 3.30 -17.34 -17.98
N GLU A 69 3.10 -16.64 -19.09
CA GLU A 69 3.71 -17.02 -20.36
C GLU A 69 5.02 -16.29 -20.66
N VAL A 70 5.33 -15.27 -19.85
CA VAL A 70 6.60 -14.58 -19.97
C VAL A 70 7.45 -14.95 -18.76
N SER A 71 8.50 -15.72 -19.01
CA SER A 71 9.28 -16.26 -17.92
C SER A 71 10.61 -16.77 -18.42
N GLY A 72 11.49 -17.12 -17.48
CA GLY A 72 12.83 -17.53 -17.81
C GLY A 72 13.77 -17.12 -16.69
N ARG A 73 15.05 -17.01 -17.02
CA ARG A 73 16.06 -16.73 -15.99
C ARG A 73 16.60 -15.31 -16.08
N THR A 74 16.77 -14.80 -17.30
CA THR A 74 17.39 -13.50 -17.48
C THR A 74 16.54 -12.53 -18.29
N LEU A 75 16.57 -11.28 -17.88
CA LEU A 75 15.81 -10.23 -18.53
C LEU A 75 16.67 -8.98 -18.68
N ILE A 76 16.55 -8.30 -19.81
CA ILE A 76 17.26 -7.03 -19.99
C ILE A 76 16.30 -5.88 -20.28
N ASP A 77 16.52 -4.76 -19.59
CA ASP A 77 15.71 -3.56 -19.77
C ASP A 77 16.47 -2.58 -20.65
N ILE A 78 15.91 -2.25 -21.80
CA ILE A 78 16.55 -1.40 -22.79
C ILE A 78 16.15 0.07 -22.61
N GLY A 79 17.13 0.92 -22.31
CA GLY A 79 16.88 2.34 -22.15
C GLY A 79 16.15 2.68 -20.86
N SER A 80 16.62 2.10 -19.76
CA SER A 80 16.02 2.27 -18.45
C SER A 80 15.85 3.73 -18.06
N GLY A 81 16.79 4.58 -18.48
CA GLY A 81 16.83 5.94 -17.98
C GLY A 81 16.97 5.92 -16.47
N PRO A 82 16.31 6.86 -15.79
CA PRO A 82 16.41 6.90 -14.32
C PRO A 82 15.20 6.25 -13.67
N THR A 83 14.55 5.30 -14.35
CA THR A 83 13.30 4.76 -13.81
C THR A 83 13.33 3.24 -13.62
N VAL A 84 12.57 2.77 -12.63
CA VAL A 84 12.53 1.34 -12.29
C VAL A 84 11.12 0.73 -12.38
N TYR A 85 10.09 1.58 -12.43
CA TYR A 85 8.69 1.13 -12.37
C TYR A 85 8.43 0.03 -13.40
N GLN A 86 9.14 0.09 -14.51
CA GLN A 86 8.92 -0.84 -15.60
C GLN A 86 9.40 -2.26 -15.30
N LEU A 87 9.92 -2.49 -14.10
CA LEU A 87 10.37 -3.83 -13.74
C LEU A 87 9.73 -4.35 -12.45
N LEU A 88 8.78 -3.58 -11.92
CA LEU A 88 8.20 -3.93 -10.63
C LEU A 88 7.48 -5.27 -10.69
N SER A 89 6.67 -5.47 -11.73
CA SER A 89 5.98 -6.73 -11.91
C SER A 89 6.92 -7.76 -12.51
N ALA A 90 7.92 -7.28 -13.26
CA ALA A 90 8.85 -8.17 -13.94
C ALA A 90 9.70 -8.97 -12.95
N CYS A 91 10.10 -8.32 -11.87
CA CYS A 91 11.18 -8.84 -11.03
C CYS A 91 10.93 -10.20 -10.36
N SER A 92 9.67 -10.57 -10.19
CA SER A 92 9.35 -11.86 -9.56
C SER A 92 9.32 -13.01 -10.57
N HIS A 93 9.66 -12.70 -11.82
CA HIS A 93 9.69 -13.71 -12.87
C HIS A 93 11.08 -13.93 -13.44
N PHE A 94 12.05 -13.17 -12.95
CA PHE A 94 13.41 -13.25 -13.48
C PHE A 94 14.47 -13.00 -12.41
N GLU A 95 15.34 -13.99 -12.19
CA GLU A 95 16.32 -13.94 -11.12
C GLU A 95 17.51 -13.07 -11.47
N ASP A 96 17.79 -12.94 -12.77
CA ASP A 96 18.91 -12.11 -13.24
C ASP A 96 18.39 -11.00 -14.14
N ILE A 97 18.55 -9.77 -13.67
CA ILE A 97 18.08 -8.62 -14.41
C ILE A 97 19.21 -7.64 -14.73
N THR A 98 19.24 -7.21 -15.99
CA THR A 98 20.19 -6.20 -16.44
C THR A 98 19.44 -4.92 -16.79
N MET A 99 19.83 -3.81 -16.18
CA MET A 99 19.28 -2.52 -16.56
C MET A 99 20.31 -1.80 -17.39
N THR A 100 19.85 -0.92 -18.27
CA THR A 100 20.76 -0.26 -19.20
C THR A 100 20.34 1.17 -19.52
N ASP A 101 21.32 2.00 -19.83
CA ASP A 101 21.06 3.29 -20.46
C ASP A 101 22.30 3.82 -21.18
N PHE A 102 22.05 4.75 -22.11
CA PHE A 102 23.10 5.39 -22.88
C PHE A 102 23.86 6.41 -22.04
N LEU A 103 23.15 7.10 -21.15
CA LEU A 103 23.73 8.15 -20.32
C LEU A 103 24.25 7.67 -18.97
N GLU A 104 25.47 8.08 -18.66
CA GLU A 104 26.10 7.85 -17.37
C GLU A 104 25.24 8.39 -16.22
N VAL A 105 24.76 9.63 -16.35
CA VAL A 105 23.97 10.26 -15.29
C VAL A 105 22.73 9.44 -14.93
N ASN A 106 22.10 8.83 -15.93
CA ASN A 106 20.96 7.95 -15.68
C ASN A 106 21.38 6.70 -14.92
N ARG A 107 22.53 6.14 -15.29
CA ARG A 107 23.03 4.96 -14.61
C ARG A 107 23.36 5.29 -13.16
N GLN A 108 23.83 6.51 -12.93
CA GLN A 108 24.13 6.98 -11.58
C GLN A 108 22.85 7.12 -10.76
N GLU A 109 21.81 7.68 -11.39
CA GLU A 109 20.54 7.87 -10.72
C GLU A 109 19.92 6.52 -10.34
N LEU A 110 20.06 5.55 -11.23
CA LEU A 110 19.61 4.19 -10.94
C LEU A 110 20.37 3.63 -9.74
N GLY A 111 21.69 3.81 -9.76
CA GLY A 111 22.54 3.32 -8.70
C GLY A 111 22.11 3.86 -7.35
N ARG A 112 21.71 5.13 -7.33
CA ARG A 112 21.25 5.75 -6.09
C ARG A 112 20.03 5.04 -5.49
N TRP A 113 19.14 4.53 -6.33
CA TRP A 113 17.96 3.82 -5.83
C TRP A 113 18.28 2.37 -5.51
N LEU A 114 19.06 1.73 -6.37
CA LEU A 114 19.41 0.33 -6.16
C LEU A 114 20.20 0.11 -4.87
N GLN A 115 20.96 1.12 -4.50
CA GLN A 115 21.83 1.05 -3.33
C GLN A 115 21.27 1.85 -2.15
N GLU A 116 20.02 2.27 -2.28
CA GLU A 116 19.36 3.08 -1.25
C GLU A 116 20.23 4.24 -0.76
N GLU A 117 20.93 4.88 -1.71
CA GLU A 117 21.83 5.98 -1.40
C GLU A 117 21.04 7.28 -1.20
N PRO A 118 21.71 8.34 -0.73
CA PRO A 118 21.07 9.63 -0.47
C PRO A 118 20.50 10.30 -1.70
N GLY A 119 19.31 10.89 -1.56
CA GLY A 119 18.70 11.65 -2.64
C GLY A 119 18.25 10.77 -3.79
N ALA A 120 18.02 9.50 -3.51
CA ALA A 120 17.45 8.59 -4.50
C ALA A 120 16.02 9.01 -4.79
N PHE A 121 15.58 8.80 -6.03
CA PHE A 121 14.20 9.08 -6.36
C PHE A 121 13.30 8.16 -5.53
N ASN A 122 12.10 8.62 -5.21
CA ASN A 122 11.17 7.84 -4.40
C ASN A 122 10.13 7.14 -5.26
N TRP A 123 10.28 5.82 -5.42
CA TRP A 123 9.39 5.04 -6.27
C TRP A 123 8.28 4.34 -5.49
N SER A 124 8.26 4.54 -4.19
CA SER A 124 7.39 3.76 -3.30
C SER A 124 5.94 3.74 -3.75
N MET A 125 5.43 4.87 -4.22
CA MET A 125 4.05 4.94 -4.71
C MET A 125 3.78 3.93 -5.81
N TYR A 126 4.78 3.73 -6.68
CA TYR A 126 4.67 2.81 -7.82
C TYR A 126 4.77 1.36 -7.36
N SER A 127 5.70 1.10 -6.43
CA SER A 127 5.83 -0.21 -5.81
C SER A 127 4.51 -0.61 -5.17
N GLN A 128 3.93 0.33 -4.43
CA GLN A 128 2.65 0.09 -3.78
C GLN A 128 1.59 -0.26 -4.80
N HIS A 129 1.47 0.54 -5.85
CA HIS A 129 0.43 0.29 -6.83
C HIS A 129 0.62 -1.03 -7.57
N ALA A 130 1.86 -1.37 -7.86
CA ALA A 130 2.14 -2.68 -8.47
C ALA A 130 1.67 -3.79 -7.55
N CYS A 131 2.01 -3.69 -6.27
CA CYS A 131 1.53 -4.64 -5.27
C CYS A 131 0.00 -4.69 -5.27
N LEU A 132 -0.61 -3.51 -5.31
CA LEU A 132 -2.06 -3.39 -5.34
C LEU A 132 -2.66 -4.12 -6.55
N ILE A 133 -2.18 -3.77 -7.74
CA ILE A 133 -2.65 -4.37 -8.98
C ILE A 133 -2.42 -5.88 -9.01
N GLU A 134 -1.25 -6.32 -8.57
CA GLU A 134 -0.89 -7.72 -8.66
C GLU A 134 -1.79 -8.59 -7.79
N GLY A 135 -2.21 -8.03 -6.66
CA GLY A 135 -3.19 -8.69 -5.81
C GLY A 135 -2.70 -9.96 -5.15
N LYS A 136 -1.42 -10.02 -4.81
CA LYS A 136 -0.85 -11.18 -4.14
C LYS A 136 -0.65 -10.89 -2.65
N GLY A 137 -1.17 -9.76 -2.20
CA GLY A 137 -1.04 -9.37 -0.80
C GLY A 137 0.37 -8.98 -0.39
N GLU A 138 1.21 -8.65 -1.37
CA GLU A 138 2.61 -8.34 -1.08
C GLU A 138 2.80 -6.90 -0.61
N CYS A 139 3.61 -6.72 0.44
CA CYS A 139 3.98 -5.38 0.89
C CYS A 139 4.99 -4.79 -0.08
N TRP A 140 4.92 -3.48 -0.27
CA TRP A 140 5.73 -2.83 -1.29
C TRP A 140 7.22 -2.88 -0.99
N GLN A 141 7.58 -3.01 0.29
CA GLN A 141 8.99 -3.11 0.67
C GLN A 141 9.61 -4.43 0.23
N ASP A 142 8.83 -5.51 0.30
CA ASP A 142 9.30 -6.80 -0.14
C ASP A 142 9.53 -6.74 -1.64
N LYS A 143 8.60 -6.08 -2.33
CA LYS A 143 8.68 -5.89 -3.77
C LYS A 143 9.97 -5.15 -4.15
N GLU A 144 10.25 -4.05 -3.47
CA GLU A 144 11.43 -3.24 -3.77
C GLU A 144 12.68 -4.05 -3.50
N ARG A 145 12.63 -4.78 -2.39
CA ARG A 145 13.74 -5.62 -1.95
C ARG A 145 14.10 -6.63 -3.05
N GLN A 146 13.10 -7.29 -3.59
CA GLN A 146 13.31 -8.32 -4.60
C GLN A 146 13.87 -7.72 -5.88
N LEU A 147 13.31 -6.59 -6.30
CA LEU A 147 13.80 -5.91 -7.50
C LEU A 147 15.27 -5.53 -7.34
N ARG A 148 15.60 -4.94 -6.18
CA ARG A 148 16.97 -4.54 -5.90
C ARG A 148 17.90 -5.76 -5.89
N ALA A 149 17.37 -6.90 -5.46
CA ALA A 149 18.18 -8.11 -5.33
C ALA A 149 18.45 -8.75 -6.68
N ARG A 150 17.51 -8.58 -7.60
CA ARG A 150 17.58 -9.26 -8.88
C ARG A 150 18.22 -8.44 -10.01
N VAL A 151 18.34 -7.13 -9.79
CA VAL A 151 19.10 -6.29 -10.72
C VAL A 151 20.58 -6.47 -10.44
N LYS A 152 21.25 -7.28 -11.25
CA LYS A 152 22.65 -7.63 -10.98
C LYS A 152 23.61 -6.58 -11.51
N ARG A 153 23.20 -5.83 -12.52
CA ARG A 153 24.11 -4.88 -13.16
C ARG A 153 23.40 -3.79 -13.95
N VAL A 154 24.00 -2.61 -13.96
CA VAL A 154 23.52 -1.49 -14.75
C VAL A 154 24.56 -1.12 -15.80
N LEU A 155 24.23 -1.36 -17.07
CA LEU A 155 25.21 -1.26 -18.14
C LEU A 155 24.95 -0.15 -19.15
N PRO A 156 26.03 0.40 -19.74
CA PRO A 156 25.96 1.31 -20.88
C PRO A 156 25.34 0.58 -22.06
N ILE A 157 24.78 1.32 -23.02
CA ILE A 157 24.14 0.71 -24.17
C ILE A 157 23.83 1.75 -25.24
N ASP A 158 23.91 1.34 -26.49
CA ASP A 158 23.52 2.18 -27.61
C ASP A 158 22.80 1.34 -28.65
N VAL A 159 21.51 1.59 -28.80
CA VAL A 159 20.67 0.77 -29.67
C VAL A 159 21.00 1.00 -31.15
N HIS A 160 21.68 2.11 -31.45
CA HIS A 160 22.08 2.38 -32.82
C HIS A 160 23.21 1.47 -33.25
N GLN A 161 23.85 0.81 -32.28
CA GLN A 161 24.91 -0.14 -32.56
C GLN A 161 24.36 -1.55 -32.77
N PRO A 162 24.86 -2.24 -33.81
CA PRO A 162 24.54 -3.63 -34.13
C PRO A 162 24.59 -4.52 -32.90
N GLN A 163 25.60 -4.32 -32.07
CA GLN A 163 25.65 -4.96 -30.76
C GLN A 163 25.50 -3.87 -29.71
N PRO A 164 24.24 -3.55 -29.35
CA PRO A 164 23.88 -2.43 -28.47
C PRO A 164 24.64 -2.44 -27.15
N LEU A 165 24.96 -3.64 -26.65
CA LEU A 165 25.66 -3.80 -25.39
C LEU A 165 27.17 -3.88 -25.51
N GLY A 166 27.68 -3.76 -26.74
CA GLY A 166 29.09 -3.98 -26.98
C GLY A 166 29.37 -5.45 -27.18
N ALA A 167 30.65 -5.82 -27.17
CA ALA A 167 31.06 -7.18 -27.53
C ALA A 167 31.18 -8.14 -26.34
N GLY A 168 31.97 -7.78 -25.35
CA GLY A 168 32.23 -8.67 -24.23
C GLY A 168 31.37 -8.40 -23.01
N SER A 169 30.10 -8.07 -23.26
CA SER A 169 29.16 -7.66 -22.22
C SER A 169 29.08 -8.63 -21.05
N PRO A 170 29.01 -8.09 -19.83
CA PRO A 170 28.82 -8.88 -18.60
C PRO A 170 27.42 -9.46 -18.56
N ALA A 171 26.56 -9.02 -19.48
CA ALA A 171 25.19 -9.47 -19.52
C ALA A 171 25.06 -10.86 -20.14
N PRO A 172 24.33 -11.76 -19.46
CA PRO A 172 24.06 -13.11 -19.98
C PRO A 172 23.23 -13.03 -21.25
N LEU A 173 23.69 -13.67 -22.32
CA LEU A 173 22.98 -13.67 -23.59
C LEU A 173 22.85 -15.08 -24.15
N PRO A 174 21.76 -15.34 -24.90
CA PRO A 174 20.73 -14.34 -25.18
C PRO A 174 19.78 -14.23 -23.98
N ALA A 175 19.10 -13.09 -23.87
CA ALA A 175 18.14 -12.90 -22.80
C ALA A 175 16.88 -13.73 -23.04
N ASP A 176 16.24 -14.17 -21.97
CA ASP A 176 14.98 -14.87 -22.10
C ASP A 176 13.84 -13.91 -22.42
N ALA A 177 14.07 -12.62 -22.13
CA ALA A 177 13.05 -11.61 -22.30
C ALA A 177 13.64 -10.20 -22.29
N LEU A 178 12.98 -9.30 -23.01
CA LEU A 178 13.36 -7.88 -23.01
C LEU A 178 12.22 -6.97 -22.55
N VAL A 179 12.58 -5.87 -21.93
CA VAL A 179 11.64 -4.79 -21.66
C VAL A 179 12.28 -3.50 -22.14
N SER A 180 11.49 -2.62 -22.74
CA SER A 180 11.98 -1.30 -23.15
C SER A 180 10.84 -0.32 -23.20
N ALA A 181 11.00 0.80 -22.49
CA ALA A 181 9.93 1.77 -22.38
C ALA A 181 10.42 3.16 -22.76
N PHE A 182 9.80 3.72 -23.81
CA PHE A 182 10.05 5.09 -24.23
C PHE A 182 11.49 5.33 -24.65
N CYS A 183 12.15 4.29 -25.13
CA CYS A 183 13.51 4.44 -25.63
C CYS A 183 13.57 4.61 -27.15
N LEU A 184 13.25 3.54 -27.88
CA LEU A 184 13.47 3.52 -29.33
C LEU A 184 12.97 4.75 -30.09
N GLU A 185 11.67 5.03 -30.03
CA GLU A 185 11.11 6.17 -30.75
C GLU A 185 11.76 7.47 -30.27
N ALA A 186 12.16 7.48 -29.01
CA ALA A 186 12.76 8.66 -28.39
C ALA A 186 14.22 8.88 -28.79
N VAL A 187 14.81 7.92 -29.49
CA VAL A 187 16.22 8.04 -29.88
C VAL A 187 16.41 7.89 -31.39
N SER A 188 15.31 7.79 -32.12
CA SER A 188 15.36 7.58 -33.57
C SER A 188 14.80 8.76 -34.36
N PRO A 189 15.64 9.35 -35.24
CA PRO A 189 15.24 10.47 -36.08
C PRO A 189 14.01 10.14 -36.94
N ASP A 190 13.92 8.91 -37.40
CA ASP A 190 12.86 8.53 -38.31
C ASP A 190 12.48 7.06 -38.17
N LEU A 191 11.45 6.66 -38.91
CA LEU A 191 10.93 5.31 -38.85
C LEU A 191 12.02 4.28 -39.08
N ALA A 192 12.86 4.51 -40.09
CA ALA A 192 13.89 3.55 -40.47
C ALA A 192 14.90 3.33 -39.35
N SER A 193 15.30 4.41 -38.72
CA SER A 193 16.22 4.33 -37.61
C SER A 193 15.55 3.52 -36.49
N PHE A 194 14.26 3.77 -36.30
CA PHE A 194 13.45 3.07 -35.31
C PHE A 194 13.46 1.58 -35.59
N GLN A 195 13.20 1.23 -36.86
CA GLN A 195 13.18 -0.17 -37.29
C GLN A 195 14.52 -0.84 -37.06
N ARG A 196 15.60 -0.15 -37.44
CA ARG A 196 16.93 -0.70 -37.27
C ARG A 196 17.29 -0.90 -35.80
N ALA A 197 16.95 0.09 -34.97
CA ALA A 197 17.19 -0.03 -33.53
C ALA A 197 16.43 -1.23 -32.96
N LEU A 198 15.19 -1.40 -33.39
CA LEU A 198 14.42 -2.58 -33.00
C LEU A 198 15.15 -3.85 -33.45
N ASP A 199 15.67 -3.83 -34.67
CA ASP A 199 16.48 -4.94 -35.16
C ASP A 199 17.64 -5.22 -34.22
N HIS A 200 18.36 -4.16 -33.84
CA HIS A 200 19.53 -4.32 -32.99
C HIS A 200 19.21 -4.95 -31.64
N ILE A 201 18.25 -4.40 -30.91
CA ILE A 201 17.93 -4.96 -29.61
C ILE A 201 17.41 -6.40 -29.74
N THR A 202 16.75 -6.70 -30.85
CA THR A 202 16.19 -8.03 -31.04
C THR A 202 17.26 -9.12 -31.06
N THR A 203 18.48 -8.76 -31.47
CA THR A 203 19.58 -9.72 -31.51
C THR A 203 19.97 -10.15 -30.11
N LEU A 204 19.60 -9.34 -29.12
CA LEU A 204 19.91 -9.64 -27.73
C LEU A 204 18.93 -10.66 -27.17
N LEU A 205 17.86 -10.91 -27.91
CA LEU A 205 16.77 -11.75 -27.40
C LEU A 205 16.81 -13.16 -27.97
N ARG A 206 16.78 -14.14 -27.08
CA ARG A 206 16.72 -15.54 -27.46
C ARG A 206 15.47 -15.83 -28.29
N PRO A 207 15.61 -16.64 -29.33
CA PRO A 207 14.44 -17.04 -30.14
C PRO A 207 13.37 -17.64 -29.26
N GLY A 208 12.12 -17.25 -29.46
CA GLY A 208 11.03 -17.70 -28.61
C GLY A 208 10.92 -16.84 -27.38
N GLY A 209 11.81 -15.86 -27.26
CA GLY A 209 11.80 -14.95 -26.13
C GLY A 209 10.70 -13.92 -26.23
N HIS A 210 10.48 -13.19 -25.14
CA HIS A 210 9.42 -12.19 -25.14
C HIS A 210 9.96 -10.77 -25.06
N LEU A 211 9.26 -9.86 -25.72
CA LEU A 211 9.56 -8.44 -25.64
C LEU A 211 8.35 -7.64 -25.17
N LEU A 212 8.53 -6.87 -24.11
CA LEU A 212 7.51 -5.92 -23.70
C LEU A 212 7.98 -4.53 -24.07
N LEU A 213 7.31 -3.92 -25.03
CA LEU A 213 7.71 -2.62 -25.54
C LEU A 213 6.64 -1.59 -25.23
N ILE A 214 7.03 -0.54 -24.50
CA ILE A 214 6.15 0.58 -24.20
C ILE A 214 6.74 1.84 -24.83
N GLY A 215 5.89 2.70 -25.37
CA GLY A 215 6.38 3.88 -26.06
C GLY A 215 5.35 4.97 -26.34
N ALA A 216 5.84 6.15 -26.69
CA ALA A 216 4.99 7.28 -27.01
C ALA A 216 4.39 7.15 -28.42
N LEU A 217 3.15 7.59 -28.55
CA LEU A 217 2.45 7.56 -29.83
C LEU A 217 2.27 8.95 -30.40
N GLU A 218 2.71 9.12 -31.66
CA GLU A 218 2.56 10.39 -32.36
C GLU A 218 3.23 11.55 -31.60
N GLU A 219 4.37 11.27 -31.00
CA GLU A 219 5.14 12.29 -30.32
C GLU A 219 6.31 12.75 -31.18
N SER A 220 6.63 14.04 -31.13
CA SER A 220 7.74 14.56 -31.93
C SER A 220 8.84 15.22 -31.07
N TRP A 221 8.49 15.59 -29.84
CA TRP A 221 9.48 16.16 -28.94
C TRP A 221 9.08 15.99 -27.47
N TYR A 222 10.08 16.01 -26.59
CA TYR A 222 9.83 16.12 -25.17
C TYR A 222 11.02 16.78 -24.50
N LEU A 223 10.80 17.36 -23.33
CA LEU A 223 11.82 18.14 -22.64
C LEU A 223 12.40 17.41 -21.44
N ALA A 224 13.68 17.67 -21.16
CA ALA A 224 14.34 17.11 -20.00
C ALA A 224 15.30 18.13 -19.39
N GLY A 225 14.74 19.16 -18.79
CA GLY A 225 15.55 20.26 -18.28
C GLY A 225 16.01 21.10 -19.45
N GLU A 226 17.33 21.25 -19.60
CA GLU A 226 17.89 22.05 -20.68
C GLU A 226 17.81 21.28 -22.00
N ALA A 227 17.56 19.98 -21.91
CA ALA A 227 17.53 19.15 -23.10
C ALA A 227 16.17 19.20 -23.78
N ARG A 228 16.19 19.38 -25.09
CA ARG A 228 15.01 19.31 -25.93
C ARG A 228 15.25 18.20 -26.94
N LEU A 229 14.49 17.11 -26.80
CA LEU A 229 14.75 15.91 -27.59
C LEU A 229 13.78 15.78 -28.75
N THR A 230 14.29 15.30 -29.87
CA THR A 230 13.47 15.02 -31.03
C THR A 230 13.01 13.57 -30.97
N VAL A 231 11.76 13.35 -31.35
CA VAL A 231 11.17 12.03 -31.28
C VAL A 231 10.54 11.71 -32.63
N VAL A 232 10.62 10.46 -33.07
CA VAL A 232 9.90 10.05 -34.26
C VAL A 232 8.45 9.71 -33.92
N PRO A 233 7.51 10.43 -34.52
CA PRO A 233 6.08 10.21 -34.24
C PRO A 233 5.63 8.90 -34.87
N VAL A 234 5.25 7.93 -34.03
CA VAL A 234 4.84 6.63 -34.55
C VAL A 234 3.39 6.30 -34.20
N SER A 235 2.76 5.51 -35.06
CA SER A 235 1.39 5.06 -34.83
C SER A 235 1.40 3.61 -34.38
N GLU A 236 0.25 3.15 -33.90
CA GLU A 236 0.09 1.76 -33.49
C GLU A 236 0.36 0.79 -34.64
N GLU A 237 -0.17 1.11 -35.81
CA GLU A 237 0.05 0.27 -36.98
C GLU A 237 1.52 0.24 -37.35
N GLU A 238 2.19 1.38 -37.23
CA GLU A 238 3.62 1.45 -37.52
C GLU A 238 4.41 0.62 -36.52
N VAL A 239 4.02 0.69 -35.25
CA VAL A 239 4.69 -0.12 -34.24
C VAL A 239 4.47 -1.60 -34.54
N ARG A 240 3.23 -1.98 -34.85
CA ARG A 240 2.91 -3.36 -35.16
C ARG A 240 3.77 -3.90 -36.31
N GLU A 241 3.84 -3.14 -37.41
CA GLU A 241 4.57 -3.56 -38.59
C GLU A 241 6.08 -3.67 -38.33
N ALA A 242 6.58 -2.83 -37.43
CA ALA A 242 8.00 -2.87 -37.10
C ALA A 242 8.35 -4.19 -36.43
N LEU A 243 7.52 -4.58 -35.45
CA LEU A 243 7.71 -5.83 -34.72
C LEU A 243 7.67 -7.02 -35.66
N VAL A 244 6.70 -7.01 -36.56
CA VAL A 244 6.58 -8.05 -37.57
C VAL A 244 7.86 -8.13 -38.37
N ARG A 245 8.28 -6.99 -38.92
CA ARG A 245 9.46 -6.93 -39.77
C ARG A 245 10.73 -7.33 -39.03
N SER A 246 10.70 -7.26 -37.70
CA SER A 246 11.85 -7.67 -36.90
C SER A 246 11.79 -9.15 -36.56
N GLY A 247 10.68 -9.80 -36.89
CA GLY A 247 10.55 -11.23 -36.69
C GLY A 247 9.80 -11.61 -35.43
N TYR A 248 8.94 -10.70 -34.97
CA TYR A 248 8.13 -10.95 -33.77
C TYR A 248 6.72 -11.37 -34.17
N LYS A 249 6.11 -12.22 -33.36
CA LYS A 249 4.66 -12.42 -33.43
C LYS A 249 4.00 -11.53 -32.37
N VAL A 250 3.13 -10.62 -32.81
CA VAL A 250 2.49 -9.69 -31.90
C VAL A 250 1.37 -10.34 -31.10
N ARG A 251 1.64 -10.58 -29.82
CA ARG A 251 0.68 -11.24 -28.93
C ARG A 251 -0.33 -10.24 -28.38
N ASP A 252 0.08 -8.99 -28.24
CA ASP A 252 -0.78 -7.98 -27.68
C ASP A 252 -0.30 -6.57 -28.01
N LEU A 253 -1.23 -5.71 -28.40
CA LEU A 253 -0.89 -4.33 -28.70
C LEU A 253 -2.08 -3.45 -28.31
N ARG A 254 -1.90 -2.64 -27.26
CA ARG A 254 -2.98 -1.81 -26.73
C ARG A 254 -2.58 -0.34 -26.75
N THR A 255 -3.56 0.55 -26.76
CA THR A 255 -3.30 1.97 -26.79
C THR A 255 -4.00 2.74 -25.66
N TYR A 256 -3.23 3.60 -25.01
CA TYR A 256 -3.77 4.53 -24.03
C TYR A 256 -3.79 5.91 -24.65
N ILE A 257 -4.97 6.52 -24.73
CA ILE A 257 -5.08 7.86 -25.26
C ILE A 257 -4.88 8.90 -24.14
N MET A 258 -3.93 9.81 -24.35
CA MET A 258 -3.54 10.79 -23.33
C MET A 258 -4.63 11.83 -23.04
N PRO A 259 -5.22 11.80 -21.84
CA PRO A 259 -6.28 12.77 -21.56
C PRO A 259 -5.73 14.19 -21.54
N ALA A 260 -6.60 15.15 -21.77
CA ALA A 260 -6.22 16.56 -21.81
C ALA A 260 -5.45 17.00 -20.56
N HIS A 261 -5.93 16.59 -19.39
CA HIS A 261 -5.34 17.03 -18.13
C HIS A 261 -3.94 16.48 -17.90
N LEU A 262 -3.49 15.59 -18.78
CA LEU A 262 -2.13 15.08 -18.69
C LEU A 262 -1.27 15.59 -19.85
N GLN A 263 -1.80 16.58 -20.57
CA GLN A 263 -1.05 17.28 -21.60
C GLN A 263 -0.47 18.54 -20.98
N THR A 264 0.81 18.48 -20.60
CA THR A 264 1.35 19.39 -19.61
C THR A 264 2.33 20.44 -20.14
N GLY A 265 2.86 20.21 -21.32
CA GLY A 265 3.85 21.13 -21.86
C GLY A 265 5.24 20.57 -21.83
N VAL A 266 5.39 19.33 -21.33
CA VAL A 266 6.70 18.69 -21.31
C VAL A 266 6.96 17.90 -22.59
N ASP A 267 5.93 17.79 -23.43
CA ASP A 267 6.02 17.05 -24.67
C ASP A 267 4.76 17.25 -25.48
N ASP A 268 4.66 16.53 -26.60
CA ASP A 268 3.41 16.55 -27.36
C ASP A 268 2.91 15.12 -27.61
N VAL A 269 3.14 14.23 -26.65
CA VAL A 269 2.68 12.85 -26.75
C VAL A 269 1.16 12.82 -26.94
N LYS A 270 0.67 11.93 -27.79
CA LYS A 270 -0.78 11.83 -28.03
C LYS A 270 -1.38 10.65 -27.29
N GLY A 271 -0.60 9.58 -27.20
CA GLY A 271 -1.03 8.36 -26.55
C GLY A 271 0.19 7.52 -26.18
N VAL A 272 -0.06 6.41 -25.50
CA VAL A 272 1.02 5.50 -25.16
C VAL A 272 0.62 4.14 -25.67
N PHE A 273 1.57 3.40 -26.23
CA PHE A 273 1.29 2.04 -26.67
C PHE A 273 1.96 1.02 -25.76
N PHE A 274 1.30 -0.12 -25.61
CA PHE A 274 1.91 -1.26 -24.98
C PHE A 274 1.88 -2.44 -25.94
N ALA A 275 3.04 -3.04 -26.18
CA ALA A 275 3.12 -4.20 -27.06
C ALA A 275 3.79 -5.39 -26.37
N TRP A 276 3.12 -6.53 -26.44
CA TRP A 276 3.70 -7.80 -26.01
C TRP A 276 4.03 -8.63 -27.25
N ALA A 277 5.31 -8.78 -27.54
CA ALA A 277 5.76 -9.48 -28.74
C ALA A 277 6.63 -10.68 -28.40
N GLN A 278 6.56 -11.72 -29.23
CA GLN A 278 7.40 -12.90 -29.06
C GLN A 278 8.26 -13.17 -30.29
N LYS A 279 9.58 -13.29 -30.08
CA LYS A 279 10.51 -13.61 -31.15
C LYS A 279 10.23 -15.01 -31.69
N VAL A 280 10.21 -15.14 -33.01
CA VAL A 280 9.91 -16.43 -33.62
C VAL A 280 10.60 -16.60 -34.97
N PRO B 14 -18.87 -6.14 44.64
CA PRO B 14 -19.86 -5.40 45.43
C PRO B 14 -19.87 -3.91 45.07
N ASP B 15 -18.70 -3.29 45.10
CA ASP B 15 -18.57 -1.87 44.82
C ASP B 15 -17.41 -1.64 43.86
N SER B 16 -17.68 -0.92 42.76
CA SER B 16 -16.73 -0.84 41.66
C SER B 16 -15.71 0.30 41.74
N ALA B 17 -15.96 1.26 42.62
CA ALA B 17 -15.11 2.46 42.69
C ALA B 17 -13.61 2.22 42.86
N PRO B 18 -13.21 1.37 43.81
CA PRO B 18 -11.77 1.24 44.07
C PRO B 18 -10.99 0.84 42.82
N GLY B 19 -11.32 -0.34 42.27
CA GLY B 19 -10.63 -0.83 41.09
C GLY B 19 -10.62 0.19 39.96
N GLN B 20 -11.77 0.80 39.74
CA GLN B 20 -11.90 1.80 38.67
C GLN B 20 -11.03 3.01 38.95
N ALA B 21 -10.84 3.31 40.24
CA ALA B 21 -10.01 4.46 40.61
C ALA B 21 -8.54 4.18 40.34
N ALA B 22 -8.13 2.95 40.64
CA ALA B 22 -6.77 2.50 40.38
C ALA B 22 -6.48 2.60 38.89
N VAL B 23 -7.44 2.16 38.09
CA VAL B 23 -7.30 2.17 36.64
C VAL B 23 -7.08 3.59 36.13
N ALA B 24 -7.97 4.51 36.52
CA ALA B 24 -7.86 5.90 36.11
C ALA B 24 -6.54 6.52 36.57
N SER B 25 -6.13 6.18 37.79
CA SER B 25 -4.86 6.65 38.33
C SER B 25 -3.71 6.21 37.42
N ALA B 26 -3.68 4.93 37.10
CA ALA B 26 -2.61 4.38 36.29
C ALA B 26 -2.52 5.03 34.91
N TYR B 27 -3.68 5.32 34.31
CA TYR B 27 -3.70 5.86 32.95
C TYR B 27 -3.25 7.31 32.86
N GLN B 28 -3.15 7.98 34.01
CA GLN B 28 -2.63 9.35 34.02
C GLN B 28 -1.17 9.36 33.55
N ARG B 29 -0.51 8.21 33.64
CA ARG B 29 0.88 8.07 33.21
C ARG B 29 1.01 7.50 31.79
N PHE B 30 -0.12 7.13 31.19
CA PHE B 30 -0.15 6.54 29.86
C PHE B 30 0.49 7.49 28.83
N GLU B 31 1.51 7.00 28.14
CA GLU B 31 2.21 7.80 27.13
C GLU B 31 1.90 7.30 25.72
N PRO B 32 1.13 8.09 24.96
CA PRO B 32 0.67 7.70 23.61
C PRO B 32 1.82 7.31 22.69
N ARG B 33 2.90 8.10 22.67
CA ARG B 33 4.02 7.83 21.77
C ARG B 33 4.69 6.50 22.08
N ALA B 34 4.92 6.23 23.36
CA ALA B 34 5.54 4.97 23.74
C ALA B 34 4.64 3.80 23.36
N TYR B 35 3.34 3.97 23.59
CA TYR B 35 2.35 2.95 23.26
C TYR B 35 2.28 2.68 21.75
N LEU B 36 2.32 3.75 20.95
CA LEU B 36 2.34 3.62 19.49
C LEU B 36 3.58 2.83 19.04
N ARG B 37 4.73 3.23 19.56
CA ARG B 37 5.98 2.54 19.27
C ARG B 37 5.94 1.08 19.73
N ASN B 38 5.45 0.84 20.93
CA ASN B 38 5.38 -0.50 21.49
C ASN B 38 4.53 -1.48 20.67
N ASN B 39 3.44 -0.98 20.07
CA ASN B 39 2.48 -1.85 19.41
C ASN B 39 2.31 -1.65 17.90
N TYR B 40 2.61 -0.45 17.40
CA TYR B 40 2.31 -0.15 16.00
C TYR B 40 3.53 0.20 15.13
N ALA B 41 4.68 0.33 15.77
CA ALA B 41 5.95 0.31 15.06
C ALA B 41 6.49 -1.13 15.10
N PRO B 42 7.43 -1.47 14.21
CA PRO B 42 7.97 -2.84 14.18
C PRO B 42 8.56 -3.24 15.52
N PRO B 43 8.65 -4.56 15.79
CA PRO B 43 8.26 -5.67 14.92
C PRO B 43 6.74 -5.92 14.85
N ARG B 44 6.00 -5.47 15.86
CA ARG B 44 4.56 -5.74 15.89
C ARG B 44 3.82 -4.94 14.82
N GLY B 45 4.41 -3.82 14.42
CA GLY B 45 3.83 -3.00 13.38
C GLY B 45 4.29 -3.39 11.99
N ASP B 46 5.05 -4.48 11.89
CA ASP B 46 5.56 -4.93 10.60
C ASP B 46 4.44 -5.55 9.79
N LEU B 47 4.03 -4.89 8.72
CA LEU B 47 2.92 -5.38 7.94
C LEU B 47 3.36 -6.29 6.81
N CYS B 48 4.67 -6.46 6.63
CA CYS B 48 5.18 -7.31 5.57
C CYS B 48 4.99 -8.81 5.83
N ASN B 49 5.21 -9.24 7.07
CA ASN B 49 4.94 -10.63 7.41
C ASN B 49 3.43 -10.88 7.60
N PRO B 50 2.84 -11.67 6.71
CA PRO B 50 1.39 -11.95 6.70
C PRO B 50 0.95 -12.75 7.92
N ASN B 51 1.91 -13.34 8.61
CA ASN B 51 1.61 -14.09 9.83
C ASN B 51 1.70 -13.23 11.07
N GLY B 52 2.02 -11.95 10.89
CA GLY B 52 2.13 -11.03 12.01
C GLY B 52 0.76 -10.60 12.52
N VAL B 53 0.75 -9.98 13.69
CA VAL B 53 -0.51 -9.62 14.32
C VAL B 53 -1.21 -8.46 13.62
N GLY B 54 -0.43 -7.49 13.16
CA GLY B 54 -0.97 -6.36 12.43
C GLY B 54 -1.80 -6.76 11.22
N PRO B 55 -1.22 -7.57 10.33
CA PRO B 55 -1.95 -8.05 9.16
C PRO B 55 -3.19 -8.88 9.51
N TRP B 56 -3.10 -9.70 10.55
CA TRP B 56 -4.24 -10.49 11.01
C TRP B 56 -5.39 -9.59 11.48
N LYS B 57 -5.05 -8.57 12.27
CA LYS B 57 -6.06 -7.63 12.76
C LYS B 57 -6.79 -6.95 11.59
N LEU B 58 -6.02 -6.38 10.67
CA LEU B 58 -6.59 -5.73 9.50
C LEU B 58 -7.45 -6.68 8.68
N ARG B 59 -7.00 -7.91 8.56
CA ARG B 59 -7.69 -8.93 7.78
C ARG B 59 -9.05 -9.26 8.38
N CYS B 60 -9.09 -9.43 9.70
CA CYS B 60 -10.34 -9.68 10.41
C CYS B 60 -11.35 -8.57 10.10
N LEU B 61 -10.87 -7.33 10.11
CA LEU B 61 -11.75 -6.21 9.86
C LEU B 61 -12.19 -6.16 8.40
N ALA B 62 -11.22 -6.29 7.50
CA ALA B 62 -11.51 -6.23 6.06
C ALA B 62 -12.53 -7.28 5.64
N GLN B 63 -12.23 -8.53 5.97
CA GLN B 63 -13.16 -9.63 5.68
C GLN B 63 -14.56 -9.42 6.25
N THR B 64 -14.64 -8.91 7.48
CA THR B 64 -15.95 -8.72 8.10
C THR B 64 -16.76 -7.69 7.33
N PHE B 65 -16.15 -6.54 7.05
CA PHE B 65 -16.85 -5.50 6.29
C PHE B 65 -17.13 -5.95 4.86
N ALA B 66 -16.32 -6.88 4.36
CA ALA B 66 -16.46 -7.36 3.00
C ALA B 66 -17.72 -8.22 2.80
N THR B 67 -18.30 -8.69 3.90
CA THR B 67 -19.53 -9.46 3.82
C THR B 67 -20.70 -8.59 3.39
N GLY B 68 -20.55 -7.27 3.52
CA GLY B 68 -21.62 -6.34 3.28
C GLY B 68 -22.68 -6.35 4.38
N GLU B 69 -22.48 -7.22 5.37
CA GLU B 69 -23.46 -7.39 6.44
C GLU B 69 -23.36 -6.35 7.55
N VAL B 70 -22.30 -5.56 7.55
CA VAL B 70 -22.15 -4.56 8.59
C VAL B 70 -22.13 -3.16 8.00
N SER B 71 -23.27 -2.51 8.01
CA SER B 71 -23.37 -1.16 7.49
C SER B 71 -24.43 -0.36 8.22
N GLY B 72 -24.57 0.90 7.83
CA GLY B 72 -25.49 1.81 8.48
C GLY B 72 -24.98 3.23 8.25
N ARG B 73 -25.47 4.17 9.04
CA ARG B 73 -25.04 5.54 8.89
C ARG B 73 -23.98 5.87 9.93
N THR B 74 -24.16 5.36 11.14
CA THR B 74 -23.29 5.79 12.25
C THR B 74 -22.49 4.68 12.92
N LEU B 75 -21.25 5.00 13.23
CA LEU B 75 -20.36 4.05 13.87
C LEU B 75 -19.68 4.74 15.04
N ILE B 76 -19.56 4.03 16.16
CA ILE B 76 -18.79 4.55 17.29
C ILE B 76 -17.60 3.63 17.58
N ASP B 77 -16.41 4.22 17.64
CA ASP B 77 -15.21 3.47 18.03
C ASP B 77 -14.95 3.72 19.51
N ILE B 78 -14.92 2.63 20.27
CA ILE B 78 -14.87 2.67 21.73
C ILE B 78 -13.45 2.51 22.23
N GLY B 79 -12.91 3.56 22.85
CA GLY B 79 -11.55 3.51 23.37
C GLY B 79 -10.50 3.55 22.26
N SER B 80 -10.62 4.52 21.36
CA SER B 80 -9.73 4.61 20.20
C SER B 80 -8.26 4.74 20.58
N GLY B 81 -7.99 5.38 21.71
CA GLY B 81 -6.62 5.68 22.07
C GLY B 81 -6.01 6.56 21.01
N PRO B 82 -4.72 6.35 20.71
CA PRO B 82 -4.07 7.18 19.70
C PRO B 82 -4.07 6.51 18.32
N THR B 83 -4.93 5.51 18.09
CA THR B 83 -4.86 4.73 16.86
C THR B 83 -6.08 4.85 15.94
N VAL B 84 -5.87 4.67 14.63
CA VAL B 84 -6.95 4.79 13.66
C VAL B 84 -7.09 3.56 12.78
N TYR B 85 -6.10 2.68 12.81
CA TYR B 85 -6.09 1.52 11.93
C TYR B 85 -7.42 0.76 12.03
N GLN B 86 -8.00 0.72 13.22
CA GLN B 86 -9.21 -0.06 13.47
C GLN B 86 -10.42 0.45 12.69
N LEU B 87 -10.24 1.57 11.99
CA LEU B 87 -11.33 2.18 11.24
C LEU B 87 -11.08 2.20 9.72
N LEU B 88 -9.90 1.73 9.31
CA LEU B 88 -9.53 1.82 7.89
C LEU B 88 -10.51 1.11 6.95
N SER B 89 -10.90 -0.12 7.30
CA SER B 89 -11.87 -0.83 6.48
C SER B 89 -13.29 -0.38 6.79
N ALA B 90 -13.51 0.12 8.00
CA ALA B 90 -14.83 0.53 8.41
C ALA B 90 -15.33 1.76 7.66
N CYS B 91 -14.40 2.68 7.39
CA CYS B 91 -14.77 4.03 7.00
C CYS B 91 -15.54 4.09 5.68
N SER B 92 -15.41 3.07 4.85
CA SER B 92 -16.17 3.03 3.59
C SER B 92 -17.61 2.54 3.76
N HIS B 93 -17.96 2.15 4.97
CA HIS B 93 -19.31 1.63 5.22
C HIS B 93 -20.14 2.50 6.15
N PHE B 94 -19.56 3.60 6.64
CA PHE B 94 -20.28 4.51 7.53
C PHE B 94 -20.00 5.99 7.23
N GLU B 95 -21.06 6.78 7.11
CA GLU B 95 -20.95 8.22 6.83
C GLU B 95 -20.48 8.97 8.05
N ASP B 96 -20.91 8.52 9.22
CA ASP B 96 -20.68 9.25 10.45
C ASP B 96 -19.93 8.38 11.45
N ILE B 97 -18.71 8.80 11.78
CA ILE B 97 -17.90 8.04 12.70
C ILE B 97 -17.55 8.86 13.94
N THR B 98 -17.80 8.26 15.09
CA THR B 98 -17.42 8.84 16.36
C THR B 98 -16.23 8.09 16.95
N MET B 99 -15.14 8.82 17.20
CA MET B 99 -13.99 8.26 17.89
C MET B 99 -14.02 8.75 19.33
N THR B 100 -13.49 7.95 20.25
CA THR B 100 -13.61 8.26 21.66
C THR B 100 -12.38 7.82 22.42
N ASP B 101 -12.07 8.54 23.50
CA ASP B 101 -11.10 8.04 24.46
C ASP B 101 -11.18 8.74 25.81
N PHE B 102 -10.76 8.01 26.84
CA PHE B 102 -10.71 8.49 28.21
C PHE B 102 -9.72 9.64 28.36
N LEU B 103 -8.57 9.52 27.73
CA LEU B 103 -7.46 10.44 27.93
C LEU B 103 -7.40 11.56 26.90
N GLU B 104 -7.35 12.79 27.39
CA GLU B 104 -7.20 13.95 26.53
C GLU B 104 -5.98 13.82 25.63
N VAL B 105 -4.88 13.32 26.16
CA VAL B 105 -3.65 13.24 25.36
C VAL B 105 -3.84 12.36 24.12
N ASN B 106 -4.60 11.27 24.26
CA ASN B 106 -4.91 10.43 23.11
C ASN B 106 -5.79 11.20 22.12
N ARG B 107 -6.80 11.87 22.64
CA ARG B 107 -7.70 12.64 21.79
C ARG B 107 -6.93 13.68 21.00
N GLN B 108 -5.86 14.23 21.59
CA GLN B 108 -5.01 15.21 20.90
C GLN B 108 -4.15 14.54 19.84
N GLU B 109 -3.70 13.33 20.13
CA GLU B 109 -2.96 12.55 19.15
C GLU B 109 -3.80 12.41 17.88
N LEU B 110 -5.05 11.96 18.06
CA LEU B 110 -6.00 11.86 16.96
C LEU B 110 -6.19 13.20 16.24
N GLY B 111 -6.27 14.26 17.03
CA GLY B 111 -6.40 15.60 16.49
C GLY B 111 -5.26 15.91 15.53
N ARG B 112 -4.05 15.44 15.87
CA ARG B 112 -2.89 15.72 15.05
C ARG B 112 -2.98 15.00 13.72
N TRP B 113 -3.49 13.77 13.76
CA TRP B 113 -3.65 13.01 12.53
C TRP B 113 -4.78 13.58 11.68
N LEU B 114 -5.87 13.99 12.34
CA LEU B 114 -7.00 14.58 11.62
C LEU B 114 -6.61 15.86 10.88
N GLN B 115 -5.73 16.65 11.48
CA GLN B 115 -5.27 17.88 10.83
C GLN B 115 -4.18 17.57 9.82
N GLU B 116 -3.79 16.31 9.75
CA GLU B 116 -2.81 15.86 8.79
C GLU B 116 -1.44 16.49 9.06
N GLU B 117 -1.14 16.74 10.33
CA GLU B 117 0.14 17.34 10.71
C GLU B 117 1.28 16.35 10.58
N PRO B 118 2.50 16.87 10.29
CA PRO B 118 3.72 16.06 10.16
C PRO B 118 4.12 15.43 11.50
N GLY B 119 3.94 16.19 12.58
CA GLY B 119 4.23 15.67 13.90
C GLY B 119 3.30 14.54 14.29
N ALA B 120 2.32 14.26 13.44
CA ALA B 120 1.35 13.20 13.72
C ALA B 120 1.94 11.83 13.44
N PHE B 121 1.37 10.81 14.07
CA PHE B 121 1.82 9.45 13.82
C PHE B 121 1.45 9.05 12.39
N ASN B 122 2.39 8.40 11.72
CA ASN B 122 2.21 7.99 10.35
C ASN B 122 1.57 6.60 10.21
N TRP B 123 0.33 6.58 9.75
CA TRP B 123 -0.42 5.34 9.56
C TRP B 123 -0.43 4.82 8.12
N SER B 124 0.34 5.46 7.24
CA SER B 124 0.26 5.17 5.80
C SER B 124 0.53 3.71 5.41
N MET B 125 1.44 3.04 6.12
CA MET B 125 1.65 1.60 5.89
C MET B 125 0.36 0.83 6.16
N TYR B 126 -0.31 1.17 7.26
CA TYR B 126 -1.57 0.55 7.62
C TYR B 126 -2.65 0.88 6.59
N SER B 127 -2.69 2.13 6.16
CA SER B 127 -3.65 2.54 5.13
C SER B 127 -3.41 1.76 3.84
N GLN B 128 -2.16 1.68 3.42
CA GLN B 128 -1.79 0.94 2.23
C GLN B 128 -2.20 -0.52 2.36
N HIS B 129 -1.80 -1.14 3.47
CA HIS B 129 -2.11 -2.54 3.67
C HIS B 129 -3.61 -2.83 3.59
N ALA B 130 -4.41 -1.95 4.20
CA ALA B 130 -5.86 -2.10 4.14
C ALA B 130 -6.35 -2.02 2.69
N CYS B 131 -5.78 -1.09 1.93
CA CYS B 131 -6.14 -0.97 0.51
C CYS B 131 -5.79 -2.28 -0.19
N LEU B 132 -4.63 -2.83 0.15
CA LEU B 132 -4.12 -4.05 -0.46
C LEU B 132 -5.08 -5.22 -0.28
N ILE B 133 -5.53 -5.44 0.95
CA ILE B 133 -6.36 -6.62 1.22
C ILE B 133 -7.83 -6.40 0.92
N GLU B 134 -8.25 -5.15 0.81
CA GLU B 134 -9.62 -4.84 0.41
C GLU B 134 -9.83 -5.13 -1.08
N GLY B 135 -8.73 -5.12 -1.83
CA GLY B 135 -8.73 -5.55 -3.23
C GLY B 135 -9.57 -4.73 -4.19
N LYS B 136 -9.71 -3.43 -3.94
CA LYS B 136 -10.49 -2.56 -4.82
C LYS B 136 -9.60 -1.57 -5.56
N GLY B 137 -8.29 -1.78 -5.47
CA GLY B 137 -7.32 -0.90 -6.10
C GLY B 137 -7.34 0.53 -5.59
N GLU B 138 -7.83 0.74 -4.38
CA GLU B 138 -7.84 2.08 -3.80
C GLU B 138 -6.43 2.50 -3.38
N CYS B 139 -6.05 3.73 -3.69
CA CYS B 139 -4.78 4.25 -3.21
C CYS B 139 -4.96 4.68 -1.74
N TRP B 140 -3.87 4.67 -0.99
CA TRP B 140 -3.97 4.92 0.44
C TRP B 140 -4.31 6.36 0.81
N GLN B 141 -3.96 7.30 -0.07
CA GLN B 141 -4.26 8.70 0.17
C GLN B 141 -5.78 8.90 0.12
N ASP B 142 -6.46 8.13 -0.72
CA ASP B 142 -7.90 8.24 -0.82
C ASP B 142 -8.58 7.63 0.42
N LYS B 143 -8.10 6.47 0.85
CA LYS B 143 -8.62 5.83 2.05
C LYS B 143 -8.49 6.78 3.25
N GLU B 144 -7.30 7.39 3.40
CA GLU B 144 -7.05 8.31 4.51
C GLU B 144 -7.93 9.55 4.42
N ARG B 145 -8.13 10.03 3.19
CA ARG B 145 -8.92 11.22 2.97
C ARG B 145 -10.37 10.96 3.41
N GLN B 146 -10.86 9.76 3.09
CA GLN B 146 -12.22 9.38 3.44
C GLN B 146 -12.40 9.18 4.95
N LEU B 147 -11.40 8.60 5.61
CA LEU B 147 -11.49 8.39 7.05
C LEU B 147 -11.53 9.73 7.74
N ARG B 148 -10.64 10.63 7.32
CA ARG B 148 -10.60 11.98 7.87
C ARG B 148 -11.92 12.74 7.70
N ALA B 149 -12.61 12.49 6.58
CA ALA B 149 -13.86 13.17 6.27
C ALA B 149 -15.03 12.59 7.05
N ARG B 150 -14.93 11.30 7.36
CA ARG B 150 -16.04 10.60 8.00
C ARG B 150 -15.97 10.60 9.53
N VAL B 151 -14.81 10.91 10.10
CA VAL B 151 -14.72 11.11 11.54
C VAL B 151 -15.38 12.44 11.91
N LYS B 152 -16.57 12.37 12.50
CA LYS B 152 -17.36 13.59 12.77
C LYS B 152 -17.10 14.20 14.15
N ARG B 153 -16.39 13.47 15.01
CA ARG B 153 -16.15 13.94 16.37
C ARG B 153 -15.24 12.99 17.14
N VAL B 154 -14.53 13.55 18.13
CA VAL B 154 -13.67 12.79 19.02
C VAL B 154 -14.04 13.13 20.47
N LEU B 155 -14.61 12.16 21.18
CA LEU B 155 -15.26 12.42 22.47
C LEU B 155 -14.61 11.72 23.64
N PRO B 156 -14.65 12.37 24.81
CA PRO B 156 -14.24 11.70 26.04
C PRO B 156 -15.17 10.51 26.24
N ILE B 157 -14.69 9.47 26.89
CA ILE B 157 -15.53 8.32 27.18
C ILE B 157 -15.04 7.60 28.44
N ASP B 158 -15.97 7.05 29.21
CA ASP B 158 -15.63 6.21 30.36
C ASP B 158 -16.61 5.04 30.37
N VAL B 159 -16.10 3.85 30.05
CA VAL B 159 -16.96 2.69 29.86
C VAL B 159 -17.50 2.13 31.16
N HIS B 160 -17.00 2.65 32.28
CA HIS B 160 -17.47 2.20 33.59
C HIS B 160 -18.73 2.94 34.01
N GLN B 161 -19.04 4.01 33.29
CA GLN B 161 -20.29 4.75 33.51
C GLN B 161 -21.43 4.09 32.73
N PRO B 162 -22.62 4.06 33.33
CA PRO B 162 -23.80 3.49 32.69
C PRO B 162 -24.10 4.21 31.38
N GLN B 163 -23.75 5.49 31.32
CA GLN B 163 -23.75 6.23 30.07
C GLN B 163 -22.32 6.62 29.79
N PRO B 164 -21.60 5.77 29.04
CA PRO B 164 -20.16 5.92 28.78
C PRO B 164 -19.80 7.24 28.14
N LEU B 165 -20.71 7.81 27.34
CA LEU B 165 -20.47 9.07 26.65
C LEU B 165 -20.99 10.26 27.46
N GLY B 166 -21.65 9.99 28.57
CA GLY B 166 -22.25 11.03 29.39
C GLY B 166 -23.70 11.24 29.03
N ALA B 167 -24.33 12.21 29.69
CA ALA B 167 -25.73 12.52 29.41
C ALA B 167 -25.86 13.58 28.32
N GLY B 168 -26.81 13.40 27.42
CA GLY B 168 -27.01 14.32 26.31
C GLY B 168 -25.78 14.43 25.44
N SER B 169 -25.15 13.29 25.16
CA SER B 169 -23.94 13.25 24.37
C SER B 169 -24.17 13.83 22.99
N PRO B 170 -23.08 14.23 22.32
CA PRO B 170 -23.13 14.74 20.95
C PRO B 170 -23.42 13.61 19.98
N ALA B 171 -23.01 12.40 20.36
CA ALA B 171 -23.07 11.27 19.44
C ALA B 171 -24.49 10.94 19.01
N PRO B 172 -24.66 10.65 17.71
CA PRO B 172 -25.93 10.11 17.22
C PRO B 172 -26.19 8.77 17.88
N LEU B 173 -27.27 8.67 18.64
CA LEU B 173 -27.58 7.43 19.33
C LEU B 173 -28.99 6.97 19.03
N PRO B 174 -29.20 5.65 18.96
CA PRO B 174 -28.12 4.67 19.10
C PRO B 174 -27.39 4.47 17.78
N ALA B 175 -26.14 4.01 17.86
CA ALA B 175 -25.33 3.84 16.65
C ALA B 175 -25.72 2.57 15.91
N ASP B 176 -25.38 2.50 14.63
CA ASP B 176 -25.61 1.30 13.84
C ASP B 176 -24.55 0.23 14.12
N ALA B 177 -23.38 0.66 14.57
CA ALA B 177 -22.28 -0.26 14.78
C ALA B 177 -21.28 0.25 15.82
N LEU B 178 -20.60 -0.69 16.45
CA LEU B 178 -19.53 -0.38 17.38
C LEU B 178 -18.25 -1.07 16.95
N VAL B 179 -17.13 -0.35 17.11
CA VAL B 179 -15.82 -0.93 17.02
C VAL B 179 -15.12 -0.69 18.37
N SER B 180 -14.37 -1.67 18.84
CA SER B 180 -13.58 -1.46 20.05
C SER B 180 -12.37 -2.39 20.09
N ALA B 181 -11.18 -1.81 20.12
CA ALA B 181 -9.96 -2.61 20.07
C ALA B 181 -9.09 -2.39 21.30
N PHE B 182 -8.85 -3.47 22.04
CA PHE B 182 -7.95 -3.45 23.18
C PHE B 182 -8.31 -2.41 24.23
N CYS B 183 -9.60 -2.24 24.47
CA CYS B 183 -10.06 -1.30 25.48
C CYS B 183 -10.57 -2.00 26.74
N LEU B 184 -11.68 -2.73 26.61
CA LEU B 184 -12.37 -3.28 27.78
C LEU B 184 -11.44 -4.01 28.76
N GLU B 185 -10.75 -5.04 28.27
CA GLU B 185 -9.85 -5.82 29.12
C GLU B 185 -8.71 -4.97 29.66
N ALA B 186 -8.36 -3.92 28.93
CA ALA B 186 -7.24 -3.07 29.31
C ALA B 186 -7.60 -2.06 30.41
N VAL B 187 -8.89 -1.92 30.71
CA VAL B 187 -9.33 -0.92 31.70
C VAL B 187 -10.24 -1.50 32.78
N SER B 188 -10.43 -2.82 32.77
CA SER B 188 -11.29 -3.49 33.74
C SER B 188 -10.47 -4.30 34.75
N PRO B 189 -10.48 -3.91 36.03
CA PRO B 189 -9.68 -4.61 37.04
C PRO B 189 -10.00 -6.11 37.12
N ASP B 190 -11.26 -6.47 36.90
CA ASP B 190 -11.64 -7.88 36.88
C ASP B 190 -12.73 -8.18 35.85
N LEU B 191 -13.12 -9.44 35.79
CA LEU B 191 -14.07 -9.93 34.78
C LEU B 191 -15.48 -9.35 34.94
N ALA B 192 -15.91 -9.15 36.18
CA ALA B 192 -17.22 -8.57 36.44
C ALA B 192 -17.27 -7.13 35.96
N SER B 193 -16.17 -6.41 36.15
CA SER B 193 -16.03 -5.02 35.68
C SER B 193 -16.05 -5.02 34.16
N PHE B 194 -15.33 -5.98 33.58
CA PHE B 194 -15.31 -6.18 32.14
C PHE B 194 -16.73 -6.36 31.61
N GLN B 195 -17.48 -7.28 32.21
CA GLN B 195 -18.86 -7.54 31.82
C GLN B 195 -19.72 -6.28 31.90
N ARG B 196 -19.63 -5.56 33.01
CA ARG B 196 -20.39 -4.33 33.17
C ARG B 196 -20.02 -3.31 32.10
N ALA B 197 -18.73 -3.19 31.80
CA ALA B 197 -18.27 -2.29 30.74
C ALA B 197 -18.92 -2.67 29.40
N LEU B 198 -18.93 -3.96 29.09
CA LEU B 198 -19.58 -4.44 27.86
C LEU B 198 -21.06 -4.08 27.85
N ASP B 199 -21.74 -4.28 28.99
CA ASP B 199 -23.13 -3.87 29.13
C ASP B 199 -23.30 -2.39 28.85
N HIS B 200 -22.40 -1.58 29.42
CA HIS B 200 -22.50 -0.13 29.23
C HIS B 200 -22.42 0.29 27.76
N ILE B 201 -21.41 -0.18 27.04
CA ILE B 201 -21.26 0.23 25.66
C ILE B 201 -22.38 -0.31 24.79
N THR B 202 -22.97 -1.42 25.22
CA THR B 202 -24.05 -2.04 24.45
C THR B 202 -25.29 -1.14 24.39
N THR B 203 -25.47 -0.30 25.40
CA THR B 203 -26.59 0.63 25.42
C THR B 203 -26.48 1.68 24.32
N LEU B 204 -25.29 1.80 23.71
CA LEU B 204 -25.08 2.78 22.65
C LEU B 204 -25.40 2.20 21.28
N LEU B 205 -25.59 0.89 21.22
CA LEU B 205 -25.80 0.19 19.96
C LEU B 205 -27.28 -0.14 19.77
N ARG B 206 -27.78 0.07 18.57
CA ARG B 206 -29.17 -0.25 18.28
C ARG B 206 -29.31 -1.76 18.20
N PRO B 207 -30.53 -2.25 18.48
CA PRO B 207 -30.85 -3.68 18.32
C PRO B 207 -30.65 -4.10 16.86
N GLY B 208 -30.00 -5.23 16.63
CA GLY B 208 -29.70 -5.69 15.28
C GLY B 208 -28.42 -5.07 14.75
N GLY B 209 -27.82 -4.20 15.56
CA GLY B 209 -26.56 -3.56 15.22
C GLY B 209 -25.39 -4.49 15.51
N HIS B 210 -24.21 -4.12 15.03
CA HIS B 210 -23.04 -4.99 15.14
C HIS B 210 -21.93 -4.41 16.00
N LEU B 211 -21.21 -5.30 16.68
CA LEU B 211 -20.03 -4.93 17.43
C LEU B 211 -18.83 -5.71 16.94
N LEU B 212 -17.75 -5.00 16.63
CA LEU B 212 -16.49 -5.63 16.28
C LEU B 212 -15.56 -5.41 17.45
N LEU B 213 -15.22 -6.50 18.13
CA LEU B 213 -14.40 -6.42 19.32
C LEU B 213 -13.08 -7.16 19.12
N ILE B 214 -11.97 -6.44 19.25
CA ILE B 214 -10.64 -7.02 19.21
C ILE B 214 -10.01 -6.82 20.58
N GLY B 215 -9.30 -7.82 21.09
CA GLY B 215 -8.64 -7.65 22.38
C GLY B 215 -7.54 -8.62 22.71
N ALA B 216 -6.84 -8.35 23.81
CA ALA B 216 -5.77 -9.20 24.30
C ALA B 216 -6.33 -10.44 25.03
N LEU B 217 -5.69 -11.58 24.80
CA LEU B 217 -6.03 -12.82 25.50
C LEU B 217 -5.00 -13.16 26.57
N GLU B 218 -5.49 -13.47 27.77
CA GLU B 218 -4.65 -13.85 28.90
C GLU B 218 -3.53 -12.86 29.15
N GLU B 219 -3.86 -11.57 29.10
CA GLU B 219 -2.90 -10.53 29.43
C GLU B 219 -3.17 -9.98 30.82
N SER B 220 -2.10 -9.72 31.57
CA SER B 220 -2.23 -9.16 32.92
C SER B 220 -1.54 -7.80 33.05
N TRP B 221 -0.69 -7.46 32.10
CA TRP B 221 -0.03 -6.15 32.10
C TRP B 221 0.51 -5.76 30.72
N TYR B 222 0.58 -4.45 30.47
CA TYR B 222 1.31 -3.92 29.32
C TYR B 222 1.91 -2.56 29.66
N LEU B 223 2.91 -2.14 28.88
CA LEU B 223 3.63 -0.91 29.15
C LEU B 223 3.26 0.21 28.17
N ALA B 224 3.13 1.43 28.69
CA ALA B 224 2.90 2.60 27.86
C ALA B 224 3.79 3.75 28.32
N GLY B 225 5.10 3.51 28.35
CA GLY B 225 6.04 4.50 28.82
C GLY B 225 6.42 4.24 30.26
N GLU B 226 6.16 5.22 31.13
CA GLU B 226 6.34 5.04 32.57
C GLU B 226 5.23 4.14 33.09
N ALA B 227 4.07 4.26 32.45
CA ALA B 227 2.88 3.52 32.88
C ALA B 227 2.95 2.03 32.59
N ARG B 228 2.90 1.23 33.66
CA ARG B 228 2.68 -0.20 33.56
C ARG B 228 1.25 -0.45 34.01
N LEU B 229 0.43 -1.00 33.11
CA LEU B 229 -1.01 -1.06 33.32
C LEU B 229 -1.48 -2.46 33.65
N THR B 230 -2.45 -2.54 34.55
CA THR B 230 -2.98 -3.84 34.97
C THR B 230 -4.19 -4.24 34.15
N VAL B 231 -4.09 -5.39 33.51
CA VAL B 231 -5.13 -5.90 32.64
C VAL B 231 -5.74 -7.16 33.26
N VAL B 232 -7.06 -7.29 33.18
CA VAL B 232 -7.68 -8.57 33.52
C VAL B 232 -7.42 -9.56 32.38
N PRO B 233 -6.77 -10.69 32.69
CA PRO B 233 -6.56 -11.69 31.66
C PRO B 233 -7.88 -12.40 31.36
N VAL B 234 -8.28 -12.42 30.08
CA VAL B 234 -9.51 -13.10 29.68
C VAL B 234 -9.22 -14.18 28.64
N SER B 235 -10.05 -15.21 28.61
CA SER B 235 -9.94 -16.27 27.63
C SER B 235 -10.98 -16.07 26.55
N GLU B 236 -10.86 -16.82 25.46
CA GLU B 236 -11.85 -16.75 24.40
C GLU B 236 -13.23 -17.07 24.96
N GLU B 237 -13.29 -18.07 25.83
CA GLU B 237 -14.57 -18.54 26.32
C GLU B 237 -15.23 -17.52 27.25
N GLU B 238 -14.42 -16.86 28.06
CA GLU B 238 -14.91 -15.77 28.91
C GLU B 238 -15.41 -14.60 28.05
N VAL B 239 -14.77 -14.38 26.91
CA VAL B 239 -15.21 -13.34 25.99
C VAL B 239 -16.54 -13.71 25.32
N ARG B 240 -16.67 -14.96 24.89
CA ARG B 240 -17.92 -15.42 24.29
C ARG B 240 -19.09 -15.27 25.28
N GLU B 241 -18.89 -15.78 26.48
CA GLU B 241 -19.95 -15.78 27.49
C GLU B 241 -20.42 -14.36 27.80
N ALA B 242 -19.47 -13.44 27.89
CA ALA B 242 -19.80 -12.04 28.19
C ALA B 242 -20.63 -11.42 27.09
N LEU B 243 -20.33 -11.78 25.84
CA LEU B 243 -21.08 -11.28 24.70
C LEU B 243 -22.52 -11.76 24.74
N VAL B 244 -22.70 -13.05 24.99
CA VAL B 244 -24.03 -13.63 25.15
C VAL B 244 -24.74 -12.97 26.34
N ARG B 245 -23.99 -12.81 27.43
CA ARG B 245 -24.51 -12.20 28.64
C ARG B 245 -25.00 -10.78 28.37
N SER B 246 -24.48 -10.15 27.33
CA SER B 246 -24.85 -8.77 27.03
C SER B 246 -25.97 -8.66 26.00
N GLY B 247 -26.42 -9.79 25.48
CA GLY B 247 -27.50 -9.79 24.51
C GLY B 247 -27.05 -9.81 23.07
N TYR B 248 -25.91 -10.44 22.81
CA TYR B 248 -25.42 -10.56 21.45
C TYR B 248 -25.55 -11.99 20.95
N LYS B 249 -25.76 -12.12 19.63
CA LYS B 249 -25.43 -13.37 18.97
C LYS B 249 -23.99 -13.23 18.48
N VAL B 250 -23.16 -14.22 18.79
CA VAL B 250 -21.79 -14.21 18.33
C VAL B 250 -21.73 -14.79 16.92
N ARG B 251 -21.31 -13.97 15.96
CA ARG B 251 -21.29 -14.40 14.56
C ARG B 251 -19.91 -14.96 14.21
N ASP B 252 -18.90 -14.46 14.90
CA ASP B 252 -17.53 -14.87 14.64
C ASP B 252 -16.67 -14.57 15.86
N LEU B 253 -15.79 -15.51 16.19
CA LEU B 253 -14.83 -15.31 17.26
C LEU B 253 -13.56 -16.10 16.94
N ARG B 254 -12.53 -15.39 16.51
CA ARG B 254 -11.29 -16.06 16.13
C ARG B 254 -10.14 -15.64 17.00
N THR B 255 -9.11 -16.47 17.03
CA THR B 255 -7.99 -16.29 17.94
C THR B 255 -6.67 -16.29 17.19
N TYR B 256 -5.83 -15.33 17.53
CA TYR B 256 -4.47 -15.26 17.03
C TYR B 256 -3.55 -15.57 18.20
N ILE B 257 -2.70 -16.58 18.04
CA ILE B 257 -1.74 -16.89 19.06
C ILE B 257 -0.47 -16.08 18.80
N MET B 258 -0.10 -15.25 19.77
CA MET B 258 1.08 -14.40 19.62
C MET B 258 2.36 -15.22 19.47
N PRO B 259 3.09 -15.02 18.36
CA PRO B 259 4.34 -15.74 18.13
C PRO B 259 5.42 -15.31 19.13
N ALA B 260 6.26 -16.24 19.55
CA ALA B 260 7.29 -15.95 20.54
C ALA B 260 8.14 -14.75 20.14
N HIS B 261 8.46 -14.67 18.85
CA HIS B 261 9.31 -13.60 18.35
C HIS B 261 8.65 -12.24 18.47
N LEU B 262 7.33 -12.22 18.69
CA LEU B 262 6.62 -10.97 18.88
C LEU B 262 6.32 -10.72 20.36
N GLN B 263 6.87 -11.55 21.23
CA GLN B 263 6.79 -11.30 22.67
C GLN B 263 7.96 -10.44 23.09
N THR B 264 7.74 -9.13 23.09
CA THR B 264 8.82 -8.16 23.18
C THR B 264 9.09 -7.63 24.59
N GLY B 265 8.28 -8.07 25.55
CA GLY B 265 8.41 -7.57 26.92
C GLY B 265 7.65 -6.28 27.14
N VAL B 266 6.80 -5.90 26.18
CA VAL B 266 5.93 -4.74 26.32
C VAL B 266 4.62 -5.16 26.98
N ASP B 267 4.43 -6.48 27.10
CA ASP B 267 3.24 -7.03 27.73
C ASP B 267 3.42 -8.54 27.92
N ASP B 268 2.47 -9.18 28.58
CA ASP B 268 2.49 -10.63 28.69
C ASP B 268 1.32 -11.23 27.91
N VAL B 269 0.94 -10.54 26.83
CA VAL B 269 -0.15 -11.00 25.97
C VAL B 269 0.16 -12.38 25.39
N LYS B 270 -0.81 -13.28 25.46
CA LYS B 270 -0.63 -14.63 24.95
C LYS B 270 -1.27 -14.77 23.57
N GLY B 271 -2.23 -13.91 23.28
CA GLY B 271 -2.96 -13.96 22.04
C GLY B 271 -3.88 -12.78 21.87
N VAL B 272 -4.55 -12.72 20.73
CA VAL B 272 -5.50 -11.66 20.43
C VAL B 272 -6.78 -12.30 19.92
N PHE B 273 -7.92 -11.75 20.32
CA PHE B 273 -9.20 -12.27 19.87
C PHE B 273 -9.90 -11.28 18.96
N PHE B 274 -10.70 -11.81 18.05
CA PHE B 274 -11.58 -10.98 17.24
C PHE B 274 -13.00 -11.52 17.30
N ALA B 275 -13.92 -10.65 17.67
CA ALA B 275 -15.31 -11.06 17.78
C ALA B 275 -16.18 -10.18 16.89
N TRP B 276 -17.02 -10.83 16.10
CA TRP B 276 -18.11 -10.17 15.39
C TRP B 276 -19.41 -10.59 16.10
N ALA B 277 -20.07 -9.63 16.72
CA ALA B 277 -21.30 -9.92 17.45
C ALA B 277 -22.41 -8.99 17.02
N GLN B 278 -23.63 -9.52 17.00
CA GLN B 278 -24.78 -8.74 16.61
C GLN B 278 -25.73 -8.64 17.79
N LYS B 279 -26.05 -7.41 18.19
CA LYS B 279 -26.97 -7.20 19.30
C LYS B 279 -28.35 -7.73 18.98
N VAL B 280 -28.85 -8.60 19.85
CA VAL B 280 -30.18 -9.16 19.71
C VAL B 280 -31.22 -8.04 19.80
N GLY B 281 -32.27 -8.15 18.99
CA GLY B 281 -33.35 -7.19 19.02
C GLY B 281 -34.14 -7.13 17.72
#